data_6CNI
#
_entry.id   6CNI
#
_cell.length_a   71.003
_cell.length_b   72.018
_cell.length_c   81.941
_cell.angle_alpha   90.00
_cell.angle_beta   90.00
_cell.angle_gamma   90.00
#
_symmetry.space_group_name_H-M   'P 21 21 21'
#
loop_
_entity.id
_entity.type
_entity.pdbx_description
1 polymer 'Serine/threonine-protein phosphatase PGAM5, mitochondrial'
2 non-polymer 'SODIUM ION'
3 non-polymer 'PHOSPHATE ION'
4 water water
#
_entity_poly.entity_id   1
_entity_poly.type   'polypeptide(L)'
_entity_poly.pdbx_seq_one_letter_code
;MHHHHHHSSGVDLGTENLYFQSMDHYKAKATRHIFLIRASQYHVDGSLEKDRTLTPLGREQAELTGLRLASLGLKFNKIV
HSSMTRAIETTDIISRHLPGVCKVSTDLLREGAPIEPDPPVSHWKPEAVQYYEDGARIEAAFRNYIHRADARQEEDSYEI
FICHANVIRYIVCRALQFPPEGWLRLSLNNGSITHLVIRPNGRVALRTLGDTGFMPPDKITRS
;
_entity_poly.pdbx_strand_id   A,B
#
# COMPACT_ATOMS: atom_id res chain seq x y z
N SER A 22 10.32 2.62 -12.26
CA SER A 22 10.53 3.91 -12.92
C SER A 22 10.26 3.78 -14.43
N MET A 23 10.18 4.90 -15.13
CA MET A 23 9.84 4.88 -16.55
C MET A 23 10.91 5.50 -17.43
N ASP A 24 11.15 4.84 -18.56
CA ASP A 24 12.07 5.29 -19.59
C ASP A 24 11.37 6.22 -20.57
N HIS A 25 12.16 7.10 -21.19
CA HIS A 25 11.65 8.05 -22.18
C HIS A 25 10.50 8.86 -21.60
N TYR A 26 10.68 9.33 -20.38
CA TYR A 26 9.66 10.09 -19.66
C TYR A 26 10.29 11.37 -19.15
N LYS A 27 9.66 12.51 -19.48
CA LYS A 27 10.12 13.79 -18.97
C LYS A 27 8.89 14.66 -18.76
N ALA A 28 8.52 14.86 -17.52
CA ALA A 28 7.39 15.70 -17.14
C ALA A 28 7.90 16.99 -16.53
N LYS A 29 7.02 17.97 -16.42
CA LYS A 29 7.42 19.28 -15.94
C LYS A 29 7.33 19.43 -14.44
N ALA A 30 6.61 18.55 -13.76
CA ALA A 30 6.51 18.60 -12.30
C ALA A 30 6.11 17.21 -11.83
N THR A 31 6.09 17.05 -10.50
CA THR A 31 5.77 15.75 -9.92
C THR A 31 4.29 15.46 -10.09
N ARG A 32 3.97 14.19 -10.32
CA ARG A 32 2.58 13.76 -10.46
C ARG A 32 2.26 12.75 -9.38
N HIS A 33 1.16 13.00 -8.66
CA HIS A 33 0.63 12.09 -7.67
C HIS A 33 -0.56 11.37 -8.28
N ILE A 34 -0.49 10.04 -8.31
CA ILE A 34 -1.49 9.19 -8.95
C ILE A 34 -2.19 8.41 -7.85
N PHE A 35 -3.51 8.60 -7.74
CA PHE A 35 -4.32 7.86 -6.76
C PHE A 35 -5.20 6.88 -7.51
N LEU A 36 -4.90 5.59 -7.36
CA LEU A 36 -5.63 4.54 -8.05
C LEU A 36 -6.59 3.94 -7.04
N ILE A 37 -7.89 4.02 -7.34
CA ILE A 37 -8.95 3.60 -6.41
C ILE A 37 -9.61 2.35 -7.00
N ARG A 38 -9.67 1.27 -6.23
CA ARG A 38 -10.43 0.11 -6.66
C ARG A 38 -11.92 0.33 -6.38
N ALA A 39 -12.77 -0.04 -7.35
CA ALA A 39 -14.22 0.10 -7.16
C ALA A 39 -14.68 -0.62 -5.90
N SER A 40 -15.76 -0.12 -5.30
CA SER A 40 -16.30 -0.68 -4.07
C SER A 40 -17.06 -2.00 -4.31
N GLN A 41 -17.48 -2.63 -3.21
CA GLN A 41 -18.18 -3.91 -3.28
C GLN A 41 -19.47 -3.79 -4.11
N TYR A 42 -19.76 -4.81 -4.92
CA TYR A 42 -20.88 -4.70 -5.85
C TYR A 42 -21.56 -6.05 -6.03
N HIS A 43 -22.70 -6.02 -6.73
CA HIS A 43 -23.51 -7.22 -7.00
C HIS A 43 -22.86 -8.01 -8.15
N VAL A 44 -21.98 -8.94 -7.78
CA VAL A 44 -21.18 -9.67 -8.78
C VAL A 44 -22.07 -10.48 -9.70
N ASP A 45 -23.22 -10.95 -9.20
CA ASP A 45 -24.10 -11.84 -9.93
C ASP A 45 -25.17 -11.12 -10.72
N GLY A 46 -25.11 -9.80 -10.82
CA GLY A 46 -26.03 -9.03 -11.62
C GLY A 46 -26.10 -9.55 -13.05
N SER A 47 -27.31 -9.78 -13.56
CA SER A 47 -27.45 -10.42 -14.86
C SER A 47 -26.88 -9.57 -15.98
N LEU A 48 -27.28 -8.31 -16.05
CA LEU A 48 -26.76 -7.37 -17.02
C LEU A 48 -25.80 -6.40 -16.36
N GLU A 49 -25.04 -5.68 -17.19
CA GLU A 49 -24.10 -4.70 -16.65
C GLU A 49 -24.82 -3.65 -15.83
N LYS A 50 -26.04 -3.27 -16.23
CA LYS A 50 -26.81 -2.31 -15.45
C LYS A 50 -27.15 -2.84 -14.05
N ASP A 51 -27.14 -4.15 -13.86
CA ASP A 51 -27.46 -4.76 -12.57
C ASP A 51 -26.26 -4.90 -11.65
N ARG A 52 -25.05 -4.69 -12.15
CA ARG A 52 -23.83 -4.88 -11.36
C ARG A 52 -23.46 -3.59 -10.62
N THR A 53 -24.40 -3.20 -9.76
CA THR A 53 -24.35 -1.98 -8.96
C THR A 53 -23.69 -2.26 -7.62
N LEU A 54 -23.29 -1.18 -6.94
CA LEU A 54 -22.69 -1.32 -5.63
C LEU A 54 -23.70 -1.89 -4.64
N THR A 55 -23.20 -2.67 -3.69
CA THR A 55 -24.01 -3.11 -2.56
C THR A 55 -24.19 -1.94 -1.61
N PRO A 56 -25.14 -2.02 -0.66
CA PRO A 56 -25.20 -0.99 0.39
C PRO A 56 -23.85 -0.76 1.08
N LEU A 57 -23.14 -1.84 1.40
CA LEU A 57 -21.82 -1.68 2.00
C LEU A 57 -20.84 -1.04 1.01
N GLY A 58 -20.93 -1.39 -0.27
CA GLY A 58 -20.07 -0.75 -1.26
C GLY A 58 -20.30 0.75 -1.30
N ARG A 59 -21.55 1.17 -1.16
CA ARG A 59 -21.81 2.61 -1.12
C ARG A 59 -21.16 3.25 0.10
N GLU A 60 -21.22 2.57 1.26
CA GLU A 60 -20.56 3.08 2.45
C GLU A 60 -19.05 3.13 2.26
N GLN A 61 -18.49 2.14 1.57
CA GLN A 61 -17.06 2.15 1.30
C GLN A 61 -16.66 3.35 0.45
N ALA A 62 -17.44 3.62 -0.61
CA ALA A 62 -17.12 4.75 -1.47
C ALA A 62 -17.25 6.07 -0.71
N GLU A 63 -18.20 6.16 0.22
CA GLU A 63 -18.29 7.36 1.05
C GLU A 63 -17.03 7.53 1.90
N LEU A 64 -16.53 6.44 2.47
CA LEU A 64 -15.32 6.52 3.30
C LEU A 64 -14.11 6.95 2.47
N THR A 65 -13.99 6.43 1.24
CA THR A 65 -12.87 6.83 0.39
C THR A 65 -12.97 8.29 -0.02
N GLY A 66 -14.19 8.76 -0.34
CA GLY A 66 -14.38 10.18 -0.65
C GLY A 66 -14.05 11.09 0.53
N LEU A 67 -14.48 10.70 1.73
CA LEU A 67 -14.14 11.47 2.93
C LEU A 67 -12.63 11.58 3.09
N ARG A 68 -11.92 10.46 2.90
CA ARG A 68 -10.47 10.48 3.06
C ARG A 68 -9.80 11.37 2.00
N LEU A 69 -10.17 11.18 0.72
CA LEU A 69 -9.55 11.99 -0.33
C LEU A 69 -9.78 13.49 -0.11
N ALA A 70 -10.98 13.86 0.34
CA ALA A 70 -11.27 15.26 0.58
C ALA A 70 -10.50 15.81 1.79
N SER A 71 -10.13 14.95 2.72
CA SER A 71 -9.43 15.42 3.91
C SER A 71 -7.96 15.69 3.66
N LEU A 72 -7.44 15.27 2.49
CA LEU A 72 -6.02 15.40 2.22
C LEU A 72 -5.58 16.83 1.97
N GLY A 73 -6.52 17.74 1.72
CA GLY A 73 -6.13 19.12 1.47
C GLY A 73 -5.49 19.33 0.12
N LEU A 74 -5.85 18.52 -0.88
CA LEU A 74 -5.28 18.58 -2.21
C LEU A 74 -6.33 19.03 -3.21
N LYS A 75 -5.90 19.79 -4.20
CA LYS A 75 -6.75 20.15 -5.33
C LYS A 75 -6.49 19.12 -6.42
N PHE A 76 -7.45 18.24 -6.63
CA PHE A 76 -7.31 17.20 -7.65
C PHE A 76 -7.61 17.79 -9.01
N ASN A 77 -6.79 17.42 -10.00
CA ASN A 77 -6.95 17.99 -11.33
C ASN A 77 -8.13 17.38 -12.08
N LYS A 78 -8.40 16.09 -11.87
CA LYS A 78 -9.46 15.37 -12.58
C LYS A 78 -9.66 14.02 -11.93
N ILE A 79 -10.84 13.44 -12.17
CA ILE A 79 -11.14 12.05 -11.85
C ILE A 79 -11.40 11.33 -13.17
N VAL A 80 -10.55 10.36 -13.49
CA VAL A 80 -10.75 9.51 -14.68
C VAL A 80 -11.26 8.17 -14.18
N HIS A 81 -12.30 7.64 -14.82
CA HIS A 81 -12.89 6.43 -14.26
C HIS A 81 -13.30 5.45 -15.35
N SER A 82 -13.20 4.17 -15.01
CA SER A 82 -13.77 3.11 -15.82
C SER A 82 -15.27 3.33 -16.03
N SER A 83 -15.75 2.87 -17.19
CA SER A 83 -17.16 2.97 -17.54
C SER A 83 -17.99 1.80 -17.02
N MET A 84 -17.40 0.89 -16.25
CA MET A 84 -18.23 -0.14 -15.64
C MET A 84 -19.14 0.48 -14.60
N THR A 85 -20.34 -0.10 -14.47
CA THR A 85 -21.38 0.43 -13.59
C THR A 85 -20.84 0.69 -12.19
N ARG A 86 -20.11 -0.27 -11.63
CA ARG A 86 -19.63 -0.12 -10.27
C ARG A 86 -18.59 0.99 -10.15
N ALA A 87 -17.82 1.25 -11.21
CA ALA A 87 -16.85 2.34 -11.17
C ALA A 87 -17.54 3.69 -11.31
N ILE A 88 -18.56 3.76 -12.18
CA ILE A 88 -19.35 4.98 -12.29
C ILE A 88 -19.98 5.34 -10.95
N GLU A 89 -20.54 4.35 -10.26
CA GLU A 89 -21.21 4.61 -8.99
C GLU A 89 -20.21 4.97 -7.90
N THR A 90 -19.05 4.29 -7.87
CA THR A 90 -18.01 4.67 -6.93
C THR A 90 -17.57 6.10 -7.19
N THR A 91 -17.40 6.46 -8.46
CA THR A 91 -16.99 7.83 -8.81
C THR A 91 -18.04 8.84 -8.40
N ASP A 92 -19.33 8.53 -8.64
CA ASP A 92 -20.38 9.47 -8.29
C ASP A 92 -20.36 9.81 -6.81
N ILE A 93 -20.15 8.79 -5.97
CA ILE A 93 -20.13 9.01 -4.52
C ILE A 93 -18.89 9.79 -4.11
N ILE A 94 -17.72 9.39 -4.63
CA ILE A 94 -16.48 10.09 -4.27
C ILE A 94 -16.55 11.53 -4.75
N SER A 95 -17.07 11.76 -5.96
CA SER A 95 -17.08 13.12 -6.50
CA SER A 95 -17.12 13.11 -6.53
C SER A 95 -17.94 14.07 -5.68
N ARG A 96 -18.93 13.56 -4.92
CA ARG A 96 -19.69 14.47 -4.06
C ARG A 96 -18.80 15.17 -3.05
N HIS A 97 -17.71 14.53 -2.64
CA HIS A 97 -16.79 15.09 -1.65
C HIS A 97 -15.77 16.02 -2.26
N LEU A 98 -15.71 16.10 -3.59
CA LEU A 98 -14.71 16.89 -4.31
C LEU A 98 -15.42 17.81 -5.30
N PRO A 99 -16.15 18.81 -4.80
CA PRO A 99 -16.88 19.69 -5.72
C PRO A 99 -15.94 20.40 -6.69
N GLY A 100 -16.39 20.50 -7.93
CA GLY A 100 -15.64 21.21 -8.95
C GLY A 100 -14.59 20.40 -9.68
N VAL A 101 -14.32 19.16 -9.26
CA VAL A 101 -13.33 18.33 -9.93
C VAL A 101 -14.03 17.63 -11.09
N CYS A 102 -13.48 17.77 -12.30
CA CYS A 102 -14.11 17.22 -13.48
CA CYS A 102 -14.13 17.21 -13.47
C CYS A 102 -13.98 15.69 -13.50
N LYS A 103 -14.94 15.04 -14.16
CA LYS A 103 -14.96 13.58 -14.29
C LYS A 103 -14.90 13.19 -15.76
N VAL A 104 -14.09 12.18 -16.07
CA VAL A 104 -13.91 11.68 -17.43
C VAL A 104 -14.08 10.17 -17.41
N SER A 105 -15.02 9.66 -18.22
CA SER A 105 -15.23 8.22 -18.36
C SER A 105 -14.37 7.67 -19.47
N THR A 106 -13.86 6.45 -19.29
CA THR A 106 -13.05 5.82 -20.33
C THR A 106 -13.24 4.31 -20.31
N ASP A 107 -13.42 3.72 -21.50
CA ASP A 107 -13.49 2.27 -21.60
C ASP A 107 -12.14 1.63 -21.41
N LEU A 108 -11.05 2.41 -21.50
CA LEU A 108 -9.72 1.85 -21.36
C LEU A 108 -9.46 1.30 -19.98
N LEU A 109 -10.18 1.77 -18.96
CA LEU A 109 -9.94 1.35 -17.58
C LEU A 109 -10.89 0.26 -17.10
N ARG A 110 -11.71 -0.31 -17.98
CA ARG A 110 -12.59 -1.41 -17.59
C ARG A 110 -11.76 -2.63 -17.18
N GLU A 111 -12.34 -3.48 -16.34
CA GLU A 111 -11.58 -4.58 -15.75
C GLU A 111 -11.08 -5.55 -16.83
N GLY A 112 -9.89 -6.12 -16.58
CA GLY A 112 -9.36 -7.16 -17.44
C GLY A 112 -9.76 -8.56 -16.99
N ALA A 113 -9.68 -9.49 -17.94
CA ALA A 113 -10.09 -10.87 -17.70
C ALA A 113 -9.27 -11.50 -16.57
N PRO A 114 -9.84 -12.49 -15.87
CA PRO A 114 -9.19 -12.99 -14.64
C PRO A 114 -7.83 -13.61 -14.92
N ILE A 115 -6.85 -13.25 -14.10
CA ILE A 115 -5.51 -13.80 -14.24
C ILE A 115 -5.36 -15.04 -13.36
N GLU A 127 -10.16 -17.44 -22.81
CA GLU A 127 -10.03 -17.36 -24.27
C GLU A 127 -8.89 -16.43 -24.62
N ALA A 128 -7.92 -16.94 -25.40
CA ALA A 128 -6.68 -16.20 -25.63
C ALA A 128 -6.94 -14.82 -26.21
N VAL A 129 -7.87 -14.72 -27.17
CA VAL A 129 -8.08 -13.45 -27.86
C VAL A 129 -8.65 -12.39 -26.92
N GLN A 130 -9.49 -12.78 -25.95
CA GLN A 130 -9.97 -11.79 -24.99
C GLN A 130 -8.82 -11.26 -24.13
N TYR A 131 -7.89 -12.14 -23.76
CA TYR A 131 -6.75 -11.69 -22.96
C TYR A 131 -5.83 -10.79 -23.77
N TYR A 132 -5.59 -11.12 -25.05
CA TYR A 132 -4.85 -10.22 -25.93
C TYR A 132 -5.48 -8.83 -25.94
N GLU A 133 -6.80 -8.80 -26.09
CA GLU A 133 -7.48 -7.52 -26.22
C GLU A 133 -7.41 -6.73 -24.93
N ASP A 134 -7.59 -7.42 -23.80
CA ASP A 134 -7.49 -6.76 -22.50
C ASP A 134 -6.08 -6.26 -22.21
N GLY A 135 -5.06 -7.09 -22.53
CA GLY A 135 -3.68 -6.66 -22.32
C GLY A 135 -3.33 -5.44 -23.16
N ALA A 136 -3.76 -5.42 -24.41
CA ALA A 136 -3.49 -4.27 -25.26
C ALA A 136 -4.19 -3.02 -24.72
N ARG A 137 -5.44 -3.17 -24.28
CA ARG A 137 -6.20 -2.01 -23.82
C ARG A 137 -5.61 -1.44 -22.53
N ILE A 138 -5.24 -2.32 -21.59
CA ILE A 138 -4.71 -1.82 -20.33
C ILE A 138 -3.31 -1.25 -20.52
N GLU A 139 -2.52 -1.81 -21.45
CA GLU A 139 -1.26 -1.15 -21.81
C GLU A 139 -1.52 0.24 -22.39
N ALA A 140 -2.55 0.37 -23.23
CA ALA A 140 -2.90 1.69 -23.76
C ALA A 140 -3.29 2.64 -22.64
N ALA A 141 -4.03 2.14 -21.64
CA ALA A 141 -4.36 2.98 -20.48
C ALA A 141 -3.11 3.42 -19.75
N PHE A 142 -2.18 2.49 -19.53
CA PHE A 142 -0.92 2.86 -18.89
C PHE A 142 -0.20 3.93 -19.69
N ARG A 143 -0.09 3.74 -21.01
CA ARG A 143 0.62 4.71 -21.83
C ARG A 143 -0.08 6.06 -21.87
N ASN A 144 -1.41 6.05 -21.93
CA ASN A 144 -2.15 7.30 -22.10
C ASN A 144 -2.25 8.09 -20.80
N TYR A 145 -2.44 7.40 -19.68
CA TYR A 145 -2.73 8.10 -18.43
C TYR A 145 -1.56 8.17 -17.47
N ILE A 146 -0.62 7.22 -17.54
CA ILE A 146 0.48 7.16 -16.59
C ILE A 146 1.80 7.58 -17.22
N HIS A 147 2.16 6.96 -18.35
CA HIS A 147 3.44 7.28 -18.97
C HIS A 147 3.44 8.61 -19.70
N ARG A 148 2.28 9.13 -20.07
CA ARG A 148 2.20 10.33 -20.90
C ARG A 148 2.32 11.56 -20.02
N ALA A 149 3.31 12.40 -20.31
CA ALA A 149 3.47 13.67 -19.62
C ALA A 149 2.73 14.76 -20.39
N ASP A 150 2.01 15.60 -19.66
CA ASP A 150 1.21 16.66 -20.26
C ASP A 150 2.08 17.90 -20.44
N ALA A 151 2.26 18.32 -21.70
CA ALA A 151 3.06 19.51 -21.96
C ALA A 151 2.45 20.76 -21.33
N ARG A 152 1.16 20.73 -20.98
CA ARG A 152 0.49 21.87 -20.38
C ARG A 152 0.64 21.91 -18.87
N GLN A 153 1.26 20.90 -18.27
CA GLN A 153 1.39 20.84 -16.82
C GLN A 153 2.19 22.02 -16.32
N GLU A 154 1.67 22.72 -15.32
CA GLU A 154 2.36 23.91 -14.84
C GLU A 154 2.66 23.87 -13.35
N GLU A 155 2.23 22.81 -12.66
CA GLU A 155 2.50 22.65 -11.24
C GLU A 155 2.35 21.17 -10.95
N ASP A 156 2.75 20.76 -9.73
CA ASP A 156 2.52 19.36 -9.33
C ASP A 156 1.06 19.03 -9.54
N SER A 157 0.78 17.80 -9.98
CA SER A 157 -0.60 17.43 -10.26
C SER A 157 -1.02 16.29 -9.34
N TYR A 158 -2.32 16.23 -9.07
CA TYR A 158 -2.92 15.20 -8.22
C TYR A 158 -4.09 14.60 -8.98
N GLU A 159 -3.97 13.33 -9.38
CA GLU A 159 -4.89 12.72 -10.34
C GLU A 159 -5.50 11.46 -9.74
N ILE A 160 -6.82 11.32 -9.86
CA ILE A 160 -7.56 10.17 -9.32
C ILE A 160 -8.02 9.31 -10.49
N PHE A 161 -7.79 8.00 -10.39
CA PHE A 161 -8.25 7.01 -11.37
C PHE A 161 -9.06 5.97 -10.63
N ILE A 162 -10.34 5.86 -10.95
CA ILE A 162 -11.22 4.91 -10.29
C ILE A 162 -11.44 3.74 -11.25
N CYS A 163 -10.95 2.56 -10.89
CA CYS A 163 -11.06 1.43 -11.78
C CYS A 163 -11.09 0.13 -10.99
N HIS A 164 -10.18 -0.81 -11.28
CA HIS A 164 -10.43 -2.20 -10.93
C HIS A 164 -9.12 -2.90 -10.60
N ALA A 165 -9.23 -4.05 -9.93
CA ALA A 165 -8.05 -4.71 -9.37
C ALA A 165 -7.02 -5.07 -10.44
N ASN A 166 -7.43 -5.76 -11.51
CA ASN A 166 -6.40 -6.17 -12.48
C ASN A 166 -5.79 -4.96 -13.19
N VAL A 167 -6.59 -3.93 -13.44
CA VAL A 167 -6.07 -2.71 -14.05
C VAL A 167 -5.03 -2.05 -13.13
N ILE A 168 -5.35 -1.95 -11.84
CA ILE A 168 -4.43 -1.32 -10.90
C ILE A 168 -3.16 -2.16 -10.75
N ARG A 169 -3.31 -3.49 -10.64
CA ARG A 169 -2.14 -4.36 -10.55
C ARG A 169 -1.21 -4.17 -11.74
N TYR A 170 -1.79 -4.13 -12.94
CA TYR A 170 -0.98 -3.94 -14.15
C TYR A 170 -0.25 -2.62 -14.10
N ILE A 171 -0.97 -1.54 -13.78
CA ILE A 171 -0.38 -0.21 -13.80
C ILE A 171 0.73 -0.10 -12.77
N VAL A 172 0.50 -0.63 -11.56
CA VAL A 172 1.50 -0.55 -10.51
C VAL A 172 2.77 -1.30 -10.93
N CYS A 173 2.62 -2.52 -11.43
CA CYS A 173 3.81 -3.28 -11.75
C CYS A 173 4.54 -2.70 -12.95
N ARG A 174 3.80 -2.14 -13.91
CA ARG A 174 4.44 -1.52 -15.06
C ARG A 174 5.21 -0.27 -14.64
N ALA A 175 4.61 0.56 -13.79
CA ALA A 175 5.25 1.81 -13.39
C ALA A 175 6.49 1.56 -12.55
N LEU A 176 6.44 0.55 -11.70
CA LEU A 176 7.55 0.18 -10.82
C LEU A 176 8.52 -0.83 -11.43
N GLN A 177 8.29 -1.24 -12.69
CA GLN A 177 9.14 -2.22 -13.38
C GLN A 177 9.18 -3.53 -12.60
N PHE A 178 8.03 -3.94 -12.07
CA PHE A 178 7.93 -5.25 -11.46
C PHE A 178 7.46 -6.28 -12.50
N PRO A 179 7.87 -7.54 -12.34
CA PRO A 179 7.52 -8.55 -13.36
C PRO A 179 6.03 -8.82 -13.39
N PRO A 180 5.49 -9.26 -14.53
CA PRO A 180 4.05 -9.55 -14.61
C PRO A 180 3.57 -10.64 -13.65
N GLU A 181 4.46 -11.54 -13.20
CA GLU A 181 4.08 -12.48 -12.17
C GLU A 181 3.70 -11.76 -10.88
N GLY A 182 4.03 -10.47 -10.79
CA GLY A 182 3.72 -9.66 -9.63
C GLY A 182 2.25 -9.31 -9.50
N TRP A 183 1.49 -9.37 -10.61
CA TRP A 183 0.13 -8.84 -10.57
C TRP A 183 -0.70 -9.54 -9.50
N LEU A 184 -0.69 -10.86 -9.49
CA LEU A 184 -1.53 -11.58 -8.53
C LEU A 184 -0.99 -11.54 -7.12
N ARG A 185 0.23 -11.04 -6.91
CA ARG A 185 0.75 -10.92 -5.56
C ARG A 185 0.28 -9.64 -4.88
N LEU A 186 -0.46 -8.77 -5.57
CA LEU A 186 -1.03 -7.59 -4.94
C LEU A 186 -2.51 -7.85 -4.70
N SER A 187 -2.95 -7.68 -3.45
CA SER A 187 -4.31 -8.03 -3.07
C SER A 187 -4.99 -6.77 -2.54
N LEU A 188 -5.84 -6.18 -3.38
CA LEU A 188 -6.38 -4.83 -3.14
C LEU A 188 -7.81 -4.90 -2.62
N ASN A 189 -8.08 -4.20 -1.51
CA ASN A 189 -9.42 -4.15 -0.94
C ASN A 189 -10.34 -3.25 -1.78
N ASN A 190 -11.65 -3.51 -1.66
CA ASN A 190 -12.65 -2.63 -2.28
C ASN A 190 -12.51 -1.21 -1.76
N GLY A 191 -12.56 -0.24 -2.68
CA GLY A 191 -12.43 1.17 -2.28
C GLY A 191 -11.06 1.59 -1.83
N SER A 192 -10.04 0.75 -1.99
CA SER A 192 -8.73 1.09 -1.46
C SER A 192 -8.04 2.15 -2.32
N ILE A 193 -7.10 2.85 -1.70
CA ILE A 193 -6.29 3.88 -2.35
C ILE A 193 -4.87 3.34 -2.55
N THR A 194 -4.38 3.44 -3.78
CA THR A 194 -2.98 3.13 -4.11
C THR A 194 -2.36 4.40 -4.68
N HIS A 195 -1.23 4.82 -4.09
CA HIS A 195 -0.68 6.15 -4.35
C HIS A 195 0.72 6.00 -4.94
N LEU A 196 0.89 6.41 -6.21
CA LEU A 196 2.17 6.45 -6.89
C LEU A 196 2.63 7.89 -6.98
N VAL A 197 3.94 8.12 -6.84
CA VAL A 197 4.52 9.45 -7.00
C VAL A 197 5.49 9.37 -8.16
N ILE A 198 5.25 10.17 -9.20
CA ILE A 198 6.09 10.14 -10.40
C ILE A 198 6.89 11.43 -10.46
N ARG A 199 8.22 11.33 -10.34
CA ARG A 199 9.08 12.49 -10.38
C ARG A 199 9.27 12.91 -11.85
N PRO A 200 9.69 14.14 -12.09
CA PRO A 200 9.79 14.64 -13.48
C PRO A 200 10.65 13.77 -14.38
N ASN A 201 11.69 13.12 -13.86
CA ASN A 201 12.57 12.31 -14.68
C ASN A 201 12.11 10.87 -14.84
N GLY A 202 10.92 10.52 -14.34
CA GLY A 202 10.40 9.19 -14.49
C GLY A 202 10.63 8.26 -13.33
N ARG A 203 11.34 8.70 -12.29
CA ARG A 203 11.41 7.89 -11.09
C ARG A 203 10.03 7.76 -10.48
N VAL A 204 9.64 6.54 -10.11
CA VAL A 204 8.33 6.28 -9.54
C VAL A 204 8.52 5.71 -8.15
N ALA A 205 7.76 6.23 -7.19
CA ALA A 205 7.74 5.71 -5.83
C ALA A 205 6.34 5.22 -5.50
N LEU A 206 6.28 4.09 -4.81
CA LEU A 206 5.02 3.57 -4.28
C LEU A 206 4.88 4.04 -2.85
N ARG A 207 3.97 5.00 -2.62
CA ARG A 207 3.77 5.57 -1.29
C ARG A 207 2.80 4.74 -0.47
N THR A 208 1.73 4.25 -1.08
CA THR A 208 0.82 3.32 -0.41
CA THR A 208 0.79 3.35 -0.42
C THR A 208 0.23 2.38 -1.45
N LEU A 209 -0.11 1.19 -1.00
CA LEU A 209 -0.79 0.23 -1.86
C LEU A 209 -1.95 -0.37 -1.07
N GLY A 210 -3.14 -0.35 -1.67
CA GLY A 210 -4.28 -1.00 -1.05
C GLY A 210 -4.66 -0.41 0.28
N ASP A 211 -4.48 0.91 0.46
CA ASP A 211 -4.76 1.56 1.74
C ASP A 211 -6.28 1.61 1.99
N THR A 212 -6.73 0.96 3.08
CA THR A 212 -8.08 1.15 3.61
C THR A 212 -8.03 1.46 5.10
N GLY A 213 -6.93 2.07 5.56
CA GLY A 213 -6.80 2.35 6.99
C GLY A 213 -7.83 3.34 7.51
N PHE A 214 -8.45 4.10 6.62
CA PHE A 214 -9.49 5.06 6.95
C PHE A 214 -10.88 4.42 7.08
N MET A 215 -10.99 3.12 6.80
CA MET A 215 -12.26 2.39 6.97
C MET A 215 -12.25 1.59 8.26
N PRO A 216 -13.35 1.54 8.99
CA PRO A 216 -13.44 0.61 10.12
C PRO A 216 -13.24 -0.82 9.64
N PRO A 217 -12.57 -1.66 10.43
CA PRO A 217 -12.35 -3.05 9.98
C PRO A 217 -13.64 -3.78 9.59
N ASP A 218 -14.76 -3.48 10.23
CA ASP A 218 -16.01 -4.17 9.88
C ASP A 218 -16.64 -3.64 8.60
N LYS A 219 -15.95 -2.78 7.85
CA LYS A 219 -16.40 -2.32 6.55
CA LYS A 219 -16.41 -2.33 6.55
C LYS A 219 -15.46 -2.70 5.42
N ILE A 220 -14.38 -3.43 5.71
CA ILE A 220 -13.35 -3.74 4.72
C ILE A 220 -13.64 -5.07 4.05
N THR A 221 -13.64 -5.08 2.72
CA THR A 221 -13.89 -6.30 1.96
C THR A 221 -12.96 -6.37 0.76
N ARG A 222 -12.81 -7.59 0.22
CA ARG A 222 -12.15 -7.80 -1.07
C ARG A 222 -13.12 -8.18 -2.17
N SER A 223 -14.32 -8.64 -1.83
CA SER A 223 -15.40 -8.82 -2.82
C SER A 223 -16.76 -8.88 -2.12
N SER B 22 6.04 -17.96 -6.09
CA SER B 22 6.00 -18.20 -4.66
C SER B 22 7.40 -18.39 -4.08
N MET B 23 7.53 -18.30 -2.77
CA MET B 23 8.84 -18.45 -2.15
C MET B 23 9.30 -19.90 -2.31
N ASP B 24 10.59 -20.06 -2.62
CA ASP B 24 11.12 -21.39 -2.85
C ASP B 24 11.53 -22.05 -1.54
N HIS B 25 11.45 -23.38 -1.53
CA HIS B 25 11.86 -24.20 -0.39
C HIS B 25 11.16 -23.75 0.89
N TYR B 26 9.85 -23.54 0.78
CA TYR B 26 9.01 -23.07 1.87
C TYR B 26 7.83 -24.03 2.02
N LYS B 27 7.63 -24.54 3.23
CA LYS B 27 6.48 -25.40 3.52
C LYS B 27 6.09 -25.15 4.97
N ALA B 28 5.01 -24.41 5.17
CA ALA B 28 4.45 -24.14 6.49
C ALA B 28 3.16 -24.93 6.64
N LYS B 29 2.70 -25.05 7.89
CA LYS B 29 1.50 -25.82 8.19
C LYS B 29 0.22 -24.99 8.12
N ALA B 30 0.34 -23.67 8.14
CA ALA B 30 -0.82 -22.78 8.11
C ALA B 30 -0.37 -21.43 7.55
N THR B 31 -1.33 -20.54 7.38
CA THR B 31 -1.08 -19.21 6.84
C THR B 31 -0.48 -18.27 7.89
N ARG B 32 0.46 -17.43 7.45
CA ARG B 32 1.09 -16.47 8.34
C ARG B 32 0.79 -15.06 7.85
N HIS B 33 0.27 -14.23 8.74
CA HIS B 33 0.06 -12.82 8.47
C HIS B 33 1.20 -12.04 9.12
N ILE B 34 1.89 -11.23 8.31
CA ILE B 34 3.07 -10.48 8.75
C ILE B 34 2.73 -9.00 8.67
N PHE B 35 2.79 -8.31 9.80
CA PHE B 35 2.53 -6.88 9.86
C PHE B 35 3.85 -6.16 10.14
N LEU B 36 4.34 -5.44 9.15
CA LEU B 36 5.62 -4.74 9.25
C LEU B 36 5.33 -3.27 9.53
N ILE B 37 5.82 -2.77 10.66
CA ILE B 37 5.54 -1.41 11.11
C ILE B 37 6.84 -0.62 11.07
N ARG B 38 6.82 0.53 10.37
CA ARG B 38 7.96 1.43 10.40
C ARG B 38 7.93 2.26 11.66
N ALA B 39 9.09 2.40 12.31
CA ALA B 39 9.19 3.21 13.51
C ALA B 39 8.68 4.62 13.26
N SER B 40 8.20 5.24 14.34
CA SER B 40 7.62 6.58 14.28
C SER B 40 8.72 7.65 14.17
N GLN B 41 8.27 8.88 13.98
CA GLN B 41 9.20 10.02 13.82
C GLN B 41 10.07 10.17 15.06
N TYR B 42 11.36 10.49 14.85
CA TYR B 42 12.30 10.52 15.94
C TYR B 42 13.29 11.67 15.75
N HIS B 43 14.09 11.91 16.79
CA HIS B 43 15.11 12.96 16.77
C HIS B 43 16.32 12.46 15.98
N VAL B 44 16.31 12.73 14.67
CA VAL B 44 17.33 12.19 13.79
C VAL B 44 18.70 12.74 14.16
N ASP B 45 18.76 13.93 14.76
CA ASP B 45 20.02 14.58 15.07
C ASP B 45 20.56 14.25 16.46
N GLY B 46 19.92 13.31 17.16
CA GLY B 46 20.42 12.87 18.46
C GLY B 46 21.86 12.43 18.38
N SER B 47 22.69 12.95 19.31
CA SER B 47 24.12 12.71 19.24
C SER B 47 24.45 11.24 19.43
N LEU B 48 23.91 10.63 20.48
CA LEU B 48 24.07 9.22 20.74
C LEU B 48 22.78 8.48 20.40
N GLU B 49 22.87 7.15 20.31
CA GLU B 49 21.69 6.34 20.01
C GLU B 49 20.60 6.52 21.07
N LYS B 50 21.01 6.67 22.33
CA LYS B 50 20.05 6.91 23.41
C LYS B 50 19.31 8.23 23.23
N ASP B 51 19.86 9.17 22.46
CA ASP B 51 19.22 10.45 22.18
C ASP B 51 18.29 10.41 20.99
N ARG B 52 18.31 9.34 20.20
CA ARG B 52 17.48 9.26 18.98
C ARG B 52 16.11 8.67 19.32
N THR B 53 15.42 9.41 20.19
CA THR B 53 14.13 9.03 20.72
C THR B 53 13.00 9.59 19.87
N LEU B 54 11.78 9.09 20.12
CA LEU B 54 10.63 9.60 19.39
C LEU B 54 10.38 11.07 19.71
N THR B 55 9.93 11.80 18.70
CA THR B 55 9.41 13.14 18.90
C THR B 55 8.01 13.05 19.51
N PRO B 56 7.49 14.15 20.06
CA PRO B 56 6.08 14.13 20.49
C PRO B 56 5.12 13.66 19.41
N LEU B 57 5.29 14.13 18.18
CA LEU B 57 4.44 13.65 17.08
C LEU B 57 4.69 12.17 16.81
N GLY B 58 5.94 11.72 16.92
CA GLY B 58 6.21 10.30 16.76
C GLY B 58 5.47 9.45 17.78
N ARG B 59 5.39 9.93 19.02
CA ARG B 59 4.62 9.19 20.02
C ARG B 59 3.14 9.14 19.64
N GLU B 60 2.61 10.25 19.13
CA GLU B 60 1.22 10.26 18.66
C GLU B 60 1.02 9.27 17.52
N GLN B 61 1.98 9.18 16.61
CA GLN B 61 1.86 8.23 15.50
C GLN B 61 1.80 6.82 16.02
N ALA B 62 2.67 6.49 16.98
CA ALA B 62 2.71 5.14 17.53
C ALA B 62 1.40 4.80 18.25
N GLU B 63 0.81 5.79 18.92
CA GLU B 63 -0.49 5.58 19.55
C GLU B 63 -1.56 5.29 18.50
N LEU B 64 -1.53 6.01 17.37
CA LEU B 64 -2.52 5.75 16.32
C LEU B 64 -2.35 4.36 15.72
N THR B 65 -1.10 3.92 15.52
CA THR B 65 -0.86 2.60 14.97
C THR B 65 -1.29 1.51 15.96
N GLY B 66 -1.00 1.70 17.24
CA GLY B 66 -1.45 0.74 18.24
C GLY B 66 -2.96 0.65 18.31
N LEU B 67 -3.64 1.80 18.27
CA LEU B 67 -5.11 1.77 18.24
C LEU B 67 -5.62 1.00 17.03
N ARG B 68 -5.02 1.23 15.86
CA ARG B 68 -5.46 0.53 14.66
C ARG B 68 -5.24 -0.98 14.80
N LEU B 69 -4.04 -1.39 15.22
CA LEU B 69 -3.76 -2.82 15.33
C LEU B 69 -4.70 -3.51 16.31
N ALA B 70 -5.01 -2.85 17.43
CA ALA B 70 -5.92 -3.43 18.40
C ALA B 70 -7.35 -3.52 17.89
N SER B 71 -7.72 -2.72 16.89
CA SER B 71 -9.08 -2.73 16.38
C SER B 71 -9.35 -3.84 15.35
N LEU B 72 -8.32 -4.55 14.92
CA LEU B 72 -8.45 -5.50 13.82
C LEU B 72 -9.17 -6.79 14.20
N GLY B 73 -9.39 -7.05 15.49
CA GLY B 73 -10.02 -8.28 15.90
C GLY B 73 -9.13 -9.50 15.79
N LEU B 74 -7.83 -9.32 15.93
CA LEU B 74 -6.83 -10.38 15.80
C LEU B 74 -6.14 -10.62 17.14
N LYS B 75 -5.77 -11.87 17.38
CA LYS B 75 -4.91 -12.23 18.50
C LYS B 75 -3.49 -12.35 17.96
N PHE B 76 -2.63 -11.40 18.31
CA PHE B 76 -1.27 -11.41 17.78
C PHE B 76 -0.40 -12.41 18.54
N ASN B 77 0.39 -13.18 17.79
CA ASN B 77 1.22 -14.22 18.39
C ASN B 77 2.47 -13.65 19.07
N LYS B 78 3.03 -12.56 18.52
CA LYS B 78 4.27 -11.99 19.06
C LYS B 78 4.51 -10.64 18.40
N ILE B 79 5.31 -9.81 19.09
CA ILE B 79 5.87 -8.58 18.54
C ILE B 79 7.38 -8.74 18.54
N VAL B 80 7.98 -8.72 17.36
CA VAL B 80 9.43 -8.74 17.22
C VAL B 80 9.86 -7.33 16.82
N HIS B 81 10.88 -6.80 17.48
CA HIS B 81 11.25 -5.42 17.20
C HIS B 81 12.75 -5.23 17.17
N SER B 82 13.18 -4.30 16.31
CA SER B 82 14.54 -3.82 16.30
C SER B 82 14.93 -3.28 17.67
N SER B 83 16.21 -3.41 18.01
CA SER B 83 16.73 -2.90 19.27
C SER B 83 17.14 -1.44 19.20
N MET B 84 16.91 -0.75 18.09
CA MET B 84 17.19 0.68 18.06
C MET B 84 16.20 1.41 18.97
N THR B 85 16.69 2.50 19.57
CA THR B 85 15.90 3.24 20.56
C THR B 85 14.51 3.60 20.04
N ARG B 86 14.44 4.12 18.81
CA ARG B 86 13.14 4.54 18.28
C ARG B 86 12.20 3.36 18.05
N ALA B 87 12.74 2.18 17.73
CA ALA B 87 11.88 1.01 17.56
C ALA B 87 11.41 0.48 18.90
N ILE B 88 12.29 0.52 19.91
CA ILE B 88 11.89 0.14 21.25
C ILE B 88 10.75 1.01 21.74
N GLU B 89 10.87 2.34 21.54
CA GLU B 89 9.85 3.25 22.04
C GLU B 89 8.54 3.13 21.26
N THR B 90 8.64 2.91 19.94
CA THR B 90 7.43 2.64 19.15
C THR B 90 6.75 1.37 19.65
N THR B 91 7.54 0.33 19.91
CA THR B 91 7.00 -0.92 20.43
C THR B 91 6.36 -0.74 21.80
N ASP B 92 7.02 0.03 22.68
CA ASP B 92 6.47 0.27 24.01
C ASP B 92 5.06 0.84 23.94
N ILE B 93 4.83 1.81 23.04
CA ILE B 93 3.52 2.46 22.95
C ILE B 93 2.50 1.52 22.32
N ILE B 94 2.87 0.86 21.22
CA ILE B 94 1.95 -0.06 20.55
C ILE B 94 1.55 -1.18 21.50
N SER B 95 2.51 -1.69 22.28
CA SER B 95 2.21 -2.83 23.14
CA SER B 95 2.25 -2.82 23.17
C SER B 95 1.21 -2.48 24.23
N ARG B 96 1.08 -1.19 24.59
CA ARG B 96 0.07 -0.79 25.57
C ARG B 96 -1.33 -1.18 25.13
N HIS B 97 -1.56 -1.22 23.82
CA HIS B 97 -2.83 -1.55 23.21
C HIS B 97 -3.02 -3.04 22.99
N LEU B 98 -1.96 -3.83 23.22
CA LEU B 98 -1.98 -5.26 22.94
C LEU B 98 -1.52 -6.03 24.16
N PRO B 99 -2.32 -6.04 25.23
CA PRO B 99 -1.93 -6.76 26.45
C PRO B 99 -1.78 -8.25 26.18
N GLY B 100 -0.76 -8.84 26.80
CA GLY B 100 -0.55 -10.26 26.71
C GLY B 100 0.27 -10.73 25.53
N VAL B 101 0.58 -9.85 24.59
CA VAL B 101 1.37 -10.22 23.41
C VAL B 101 2.84 -10.08 23.76
N CYS B 102 3.58 -11.19 23.65
CA CYS B 102 4.98 -11.16 24.05
C CYS B 102 5.82 -10.35 23.08
N LYS B 103 6.91 -9.77 23.60
CA LYS B 103 7.80 -8.92 22.83
C LYS B 103 9.19 -9.54 22.78
N VAL B 104 9.81 -9.47 21.60
CA VAL B 104 11.15 -10.02 21.39
C VAL B 104 12.00 -8.95 20.72
N SER B 105 13.12 -8.60 21.36
CA SER B 105 14.06 -7.65 20.78
C SER B 105 15.12 -8.39 19.96
N THR B 106 15.51 -7.80 18.82
CA THR B 106 16.55 -8.43 18.02
C THR B 106 17.41 -7.38 17.33
N ASP B 107 18.73 -7.61 17.34
CA ASP B 107 19.65 -6.76 16.59
C ASP B 107 19.55 -7.00 15.09
N LEU B 108 18.96 -8.13 14.68
CA LEU B 108 18.86 -8.47 13.26
C LEU B 108 18.02 -7.47 12.48
N LEU B 109 17.11 -6.77 13.15
CA LEU B 109 16.20 -5.84 12.48
C LEU B 109 16.64 -4.37 12.60
N ARG B 110 17.82 -4.10 13.13
CA ARG B 110 18.28 -2.72 13.20
C ARG B 110 18.49 -2.18 11.78
N GLU B 111 18.31 -0.88 11.62
CA GLU B 111 18.38 -0.28 10.29
C GLU B 111 19.80 -0.39 9.72
N GLU B 127 34.20 1.78 5.54
CA GLU B 127 32.77 2.02 5.40
C GLU B 127 32.12 0.97 4.52
N ALA B 128 32.77 0.70 3.38
CA ALA B 128 32.21 -0.20 2.38
C ALA B 128 31.95 -1.58 2.96
N VAL B 129 32.88 -2.08 3.78
CA VAL B 129 32.72 -3.42 4.36
C VAL B 129 31.57 -3.43 5.34
N GLN B 130 31.41 -2.36 6.13
CA GLN B 130 30.31 -2.28 7.07
C GLN B 130 28.96 -2.24 6.35
N TYR B 131 28.89 -1.52 5.23
CA TYR B 131 27.63 -1.46 4.50
C TYR B 131 27.27 -2.80 3.88
N TYR B 132 28.25 -3.51 3.30
CA TYR B 132 28.01 -4.87 2.82
C TYR B 132 27.43 -5.73 3.93
N GLU B 133 28.05 -5.68 5.11
CA GLU B 133 27.59 -6.55 6.19
C GLU B 133 26.22 -6.13 6.71
N ASP B 134 25.92 -4.82 6.70
CA ASP B 134 24.57 -4.40 7.03
C ASP B 134 23.57 -5.01 6.06
N GLY B 135 23.91 -5.03 4.77
CA GLY B 135 23.04 -5.66 3.81
C GLY B 135 22.88 -7.15 4.04
N ALA B 136 23.98 -7.83 4.35
CA ALA B 136 23.93 -9.25 4.65
C ALA B 136 23.02 -9.53 5.85
N ARG B 137 23.04 -8.61 6.82
CA ARG B 137 22.22 -8.78 8.02
C ARG B 137 20.72 -8.71 7.68
N ILE B 138 20.35 -7.86 6.71
CA ILE B 138 18.95 -7.74 6.35
C ILE B 138 18.48 -8.99 5.61
N GLU B 139 19.34 -9.57 4.76
CA GLU B 139 18.99 -10.85 4.16
C GLU B 139 18.84 -11.93 5.24
N ALA B 140 19.71 -11.91 6.25
CA ALA B 140 19.58 -12.85 7.35
C ALA B 140 18.26 -12.66 8.10
N ALA B 141 17.84 -11.41 8.28
CA ALA B 141 16.52 -11.16 8.89
C ALA B 141 15.41 -11.75 8.05
N PHE B 142 15.48 -11.58 6.72
CA PHE B 142 14.48 -12.17 5.84
C PHE B 142 14.44 -13.69 6.00
N ARG B 143 15.61 -14.34 6.01
CA ARG B 143 15.64 -15.79 6.13
C ARG B 143 15.12 -16.25 7.48
N ASN B 144 15.46 -15.52 8.54
CA ASN B 144 15.16 -15.96 9.90
C ASN B 144 13.70 -15.73 10.28
N TYR B 145 13.11 -14.62 9.85
CA TYR B 145 11.77 -14.26 10.31
C TYR B 145 10.69 -14.44 9.26
N ILE B 146 11.03 -14.41 7.98
CA ILE B 146 10.04 -14.44 6.90
C ILE B 146 10.06 -15.79 6.19
N HIS B 147 11.23 -16.21 5.73
CA HIS B 147 11.31 -17.47 5.01
C HIS B 147 11.19 -18.66 5.94
N ARG B 148 11.47 -18.49 7.23
CA ARG B 148 11.45 -19.60 8.18
C ARG B 148 10.04 -19.83 8.69
N GLU B 154 0.44 -24.86 13.86
CA GLU B 154 -0.57 -25.56 13.08
C GLU B 154 -1.80 -24.69 12.81
N GLU B 155 -1.86 -23.51 13.40
CA GLU B 155 -2.97 -22.60 13.16
C GLU B 155 -2.44 -21.31 12.56
N ASP B 156 -3.32 -20.55 11.91
CA ASP B 156 -2.91 -19.28 11.32
C ASP B 156 -2.33 -18.34 12.38
N SER B 157 -1.27 -17.66 12.01
CA SER B 157 -0.57 -16.77 12.95
C SER B 157 -0.59 -15.33 12.45
N TYR B 158 -0.49 -14.41 13.41
CA TYR B 158 -0.49 -12.97 13.14
C TYR B 158 0.68 -12.38 13.90
N GLU B 159 1.67 -11.88 13.16
CA GLU B 159 2.96 -11.50 13.74
C GLU B 159 3.27 -10.05 13.40
N ILE B 160 3.72 -9.29 14.39
CA ILE B 160 4.06 -7.88 14.20
C ILE B 160 5.57 -7.74 14.26
N PHE B 161 6.14 -7.00 13.30
CA PHE B 161 7.56 -6.69 13.27
C PHE B 161 7.72 -5.18 13.22
N ILE B 162 8.31 -4.60 14.26
CA ILE B 162 8.48 -3.15 14.33
C ILE B 162 9.94 -2.86 14.05
N CYS B 163 10.20 -2.17 12.94
CA CYS B 163 11.57 -1.91 12.57
C CYS B 163 11.65 -0.66 11.70
N HIS B 164 12.27 -0.76 10.52
CA HIS B 164 12.78 0.42 9.83
C HIS B 164 12.60 0.29 8.32
N ALA B 165 12.67 1.44 7.65
CA ALA B 165 12.31 1.53 6.24
C ALA B 165 13.13 0.59 5.36
N ASN B 166 14.46 0.61 5.50
CA ASN B 166 15.27 -0.21 4.59
C ASN B 166 15.00 -1.70 4.80
N VAL B 167 14.82 -2.11 6.06
CA VAL B 167 14.52 -3.51 6.37
C VAL B 167 13.18 -3.91 5.77
N ILE B 168 12.15 -3.08 5.97
CA ILE B 168 10.80 -3.44 5.52
C ILE B 168 10.75 -3.50 3.99
N ARG B 169 11.31 -2.49 3.32
CA ARG B 169 11.31 -2.47 1.86
C ARG B 169 12.03 -3.69 1.29
N TYR B 170 13.18 -4.04 1.87
CA TYR B 170 13.89 -5.23 1.42
C TYR B 170 13.02 -6.47 1.59
N ILE B 171 12.40 -6.63 2.76
CA ILE B 171 11.62 -7.83 3.03
C ILE B 171 10.46 -7.94 2.07
N VAL B 172 9.78 -6.82 1.80
CA VAL B 172 8.64 -6.83 0.90
C VAL B 172 9.06 -7.28 -0.49
N CYS B 173 10.14 -6.70 -1.02
CA CYS B 173 10.53 -7.05 -2.38
C CYS B 173 11.05 -8.49 -2.45
N ARG B 174 11.73 -8.95 -1.39
CA ARG B 174 12.23 -10.32 -1.39
C ARG B 174 11.09 -11.33 -1.29
N ALA B 175 10.11 -11.07 -0.43
CA ALA B 175 8.99 -12.01 -0.27
C ALA B 175 8.13 -12.08 -1.52
N LEU B 176 7.98 -10.97 -2.22
CA LEU B 176 7.20 -10.93 -3.44
C LEU B 176 8.02 -11.30 -4.68
N GLN B 177 9.29 -11.65 -4.49
CA GLN B 177 10.19 -12.05 -5.58
C GLN B 177 10.31 -10.96 -6.64
N PHE B 178 10.39 -9.73 -6.20
CA PHE B 178 10.64 -8.57 -7.06
C PHE B 178 12.14 -8.32 -7.17
N PRO B 179 12.59 -7.61 -8.21
CA PRO B 179 14.03 -7.48 -8.43
C PRO B 179 14.69 -6.76 -7.26
N PRO B 180 15.98 -7.04 -7.02
CA PRO B 180 16.65 -6.40 -5.86
C PRO B 180 16.68 -4.87 -5.92
N GLU B 181 16.66 -4.27 -7.10
CA GLU B 181 16.57 -2.82 -7.24
C GLU B 181 15.22 -2.25 -6.84
N GLY B 182 14.18 -3.09 -6.70
CA GLY B 182 12.85 -2.55 -6.47
C GLY B 182 12.65 -1.92 -5.10
N TRP B 183 13.45 -2.30 -4.10
CA TRP B 183 13.20 -1.89 -2.73
C TRP B 183 13.19 -0.38 -2.57
N LEU B 184 14.11 0.32 -3.23
CA LEU B 184 14.18 1.76 -3.06
C LEU B 184 13.02 2.50 -3.71
N ARG B 185 12.19 1.82 -4.50
CA ARG B 185 11.01 2.43 -5.12
C ARG B 185 9.81 2.45 -4.18
N LEU B 186 9.94 1.94 -2.97
CA LEU B 186 8.88 1.95 -1.97
C LEU B 186 9.14 3.08 -1.00
N SER B 187 8.10 3.85 -0.67
CA SER B 187 8.25 5.03 0.17
C SER B 187 7.29 4.90 1.36
N LEU B 188 7.83 4.61 2.54
CA LEU B 188 7.00 4.25 3.69
C LEU B 188 6.88 5.39 4.71
N ASN B 189 5.64 5.70 5.12
CA ASN B 189 5.43 6.71 6.16
C ASN B 189 5.83 6.17 7.53
N ASN B 190 6.18 7.11 8.42
CA ASN B 190 6.43 6.77 9.81
C ASN B 190 5.20 6.11 10.44
N GLY B 191 5.42 5.03 11.19
CA GLY B 191 4.31 4.36 11.84
C GLY B 191 3.40 3.59 10.92
N SER B 192 3.76 3.42 9.64
CA SER B 192 2.85 2.78 8.69
C SER B 192 2.80 1.27 8.90
N ILE B 193 1.70 0.67 8.44
CA ILE B 193 1.47 -0.76 8.52
C ILE B 193 1.59 -1.35 7.11
N THR B 194 2.43 -2.37 6.98
CA THR B 194 2.54 -3.14 5.74
C THR B 194 2.18 -4.59 6.06
N HIS B 195 1.25 -5.16 5.29
CA HIS B 195 0.64 -6.45 5.61
C HIS B 195 0.91 -7.44 4.48
N LEU B 196 1.69 -8.47 4.79
CA LEU B 196 1.98 -9.60 3.89
C LEU B 196 1.26 -10.85 4.38
N VAL B 197 0.77 -11.68 3.45
CA VAL B 197 0.16 -12.96 3.78
C VAL B 197 0.95 -14.06 3.09
N ILE B 198 1.44 -15.03 3.87
CA ILE B 198 2.23 -16.14 3.36
C ILE B 198 1.40 -17.41 3.50
N ARG B 199 1.00 -17.99 2.38
CA ARG B 199 0.20 -19.21 2.39
C ARG B 199 1.09 -20.41 2.62
N PRO B 200 0.51 -21.55 3.05
CA PRO B 200 1.34 -22.72 3.38
C PRO B 200 2.25 -23.19 2.25
N ASN B 201 1.87 -22.98 0.99
CA ASN B 201 2.70 -23.40 -0.13
C ASN B 201 3.73 -22.36 -0.53
N GLY B 202 3.84 -21.26 0.20
CA GLY B 202 4.82 -20.25 -0.10
C GLY B 202 4.33 -19.12 -0.98
N ARG B 203 3.09 -19.19 -1.46
CA ARG B 203 2.53 -18.04 -2.17
C ARG B 203 2.40 -16.85 -1.22
N VAL B 204 2.83 -15.67 -1.69
CA VAL B 204 2.83 -14.46 -0.88
C VAL B 204 1.93 -13.42 -1.54
N ALA B 205 1.09 -12.78 -0.75
CA ALA B 205 0.27 -11.68 -1.22
C ALA B 205 0.56 -10.43 -0.40
N LEU B 206 0.65 -9.29 -1.07
CA LEU B 206 0.78 -8.00 -0.40
C LEU B 206 -0.63 -7.43 -0.24
N ARG B 207 -1.12 -7.36 1.00
CA ARG B 207 -2.47 -6.85 1.25
C ARG B 207 -2.49 -5.33 1.40
N THR B 208 -1.47 -4.78 2.01
CA THR B 208 -1.33 -3.32 2.08
C THR B 208 0.14 -2.99 2.24
N LEU B 209 0.53 -1.82 1.74
CA LEU B 209 1.89 -1.32 1.89
C LEU B 209 1.81 0.12 2.36
N GLY B 210 2.54 0.44 3.44
CA GLY B 210 2.66 1.82 3.89
C GLY B 210 1.36 2.46 4.31
N ASP B 211 0.45 1.69 4.90
CA ASP B 211 -0.86 2.18 5.30
C ASP B 211 -0.73 3.13 6.49
N THR B 212 -1.11 4.40 6.30
CA THR B 212 -1.36 5.32 7.40
C THR B 212 -2.74 5.96 7.26
N GLY B 213 -3.68 5.24 6.65
CA GLY B 213 -5.01 5.78 6.41
C GLY B 213 -5.78 6.07 7.69
N PHE B 214 -5.37 5.46 8.80
CA PHE B 214 -5.96 5.65 10.12
C PHE B 214 -5.40 6.89 10.82
N MET B 215 -4.41 7.57 10.23
CA MET B 215 -3.87 8.79 10.82
C MET B 215 -4.46 10.02 10.15
N PRO B 216 -4.79 11.05 10.91
CA PRO B 216 -5.16 12.33 10.30
C PRO B 216 -4.02 12.83 9.42
N PRO B 217 -4.34 13.45 8.28
CA PRO B 217 -3.27 13.87 7.36
C PRO B 217 -2.19 14.73 8.00
N ASP B 218 -2.53 15.58 8.97
CA ASP B 218 -1.51 16.43 9.57
C ASP B 218 -0.61 15.70 10.55
N LYS B 219 -0.84 14.41 10.80
CA LYS B 219 0.02 13.62 11.65
C LYS B 219 0.98 12.75 10.86
N ILE B 220 0.92 12.79 9.53
CA ILE B 220 1.67 11.88 8.68
C ILE B 220 3.03 12.48 8.34
N THR B 221 4.10 11.70 8.50
CA THR B 221 5.45 12.15 8.17
C THR B 221 6.22 11.00 7.55
N ARG B 222 7.30 11.35 6.84
CA ARG B 222 8.28 10.38 6.38
C ARG B 222 9.63 10.52 7.07
N SER B 223 9.88 11.62 7.78
CA SER B 223 11.05 11.73 8.64
C SER B 223 10.80 12.83 9.67
#